data_3O12
#
_entry.id   3O12
#
_cell.length_a   112.665
_cell.length_b   112.665
_cell.length_c   92.710
_cell.angle_alpha   90.00
_cell.angle_beta   90.00
_cell.angle_gamma   120.00
#
_symmetry.space_group_name_H-M   'H 3 2'
#
loop_
_entity.id
_entity.type
_entity.pdbx_description
1 polymer 'Uncharacterized protein YJL217W'
2 non-polymer 'SULFATE ION'
3 non-polymer 1,2-ETHANEDIOL
4 water water
#
_entity_poly.entity_id   1
_entity_poly.type   'polypeptide(L)'
_entity_poly.pdbx_seq_one_letter_code
;(MSE)GSSHHHHHHSSGRENLYFQG(MSE)VESKNTELSQGTWLNKPKSVFQEAGKVTLETDEKTDFWRETFYGFTRDSG
HFLGVETGSAFTAQVRVQGSYESLYDQAGI(MSE)VRIDDGHWLKAGIEISDGHA(MSE)LSSVLTNGKSDWSTAVYGGN
ARDFWLRVTVEKGVLRIQVSSDKKTWPLVRLAPFPTSDHYLVGP(MSE)ACTPERGGLKVTFSEWSLTAPLGKALHDLSG
S
;
_entity_poly.pdbx_strand_id   A
#
loop_
_chem_comp.id
_chem_comp.type
_chem_comp.name
_chem_comp.formula
EDO non-polymer 1,2-ETHANEDIOL 'C2 H6 O2'
SO4 non-polymer 'SULFATE ION' 'O4 S -2'
#
# COMPACT_ATOMS: atom_id res chain seq x y z
N THR A 28 10.57 4.63 -13.32
CA THR A 28 11.32 3.61 -12.58
C THR A 28 10.44 2.37 -12.40
N GLU A 29 10.89 1.24 -12.94
CA GLU A 29 10.07 0.04 -13.01
C GLU A 29 9.96 -0.68 -11.69
N LEU A 30 8.92 -1.51 -11.59
CA LEU A 30 8.63 -2.18 -10.34
C LEU A 30 9.79 -3.05 -9.83
N SER A 31 10.50 -3.69 -10.75
CA SER A 31 11.60 -4.58 -10.39
C SER A 31 12.82 -3.83 -9.84
N GLN A 32 12.76 -2.50 -9.87
CA GLN A 32 13.85 -1.71 -9.33
CA GLN A 32 13.82 -1.65 -9.35
C GLN A 32 13.61 -1.35 -7.86
N GLY A 33 12.54 -1.90 -7.30
CA GLY A 33 12.25 -1.71 -5.89
C GLY A 33 13.09 -2.64 -5.03
N THR A 34 13.13 -2.33 -3.74
CA THR A 34 13.82 -3.13 -2.74
C THR A 34 12.80 -3.56 -1.69
N TRP A 35 12.86 -4.82 -1.27
CA TRP A 35 11.95 -5.31 -0.24
C TRP A 35 12.25 -4.85 1.17
N LEU A 36 11.17 -4.53 1.88
CA LEU A 36 11.12 -4.54 3.34
C LEU A 36 10.31 -5.77 3.71
N ASN A 37 10.91 -6.69 4.45
CA ASN A 37 10.24 -7.93 4.83
C ASN A 37 9.79 -8.74 3.61
N LYS A 38 10.73 -9.16 2.76
CA LYS A 38 10.36 -9.96 1.59
C LYS A 38 9.60 -11.21 2.03
N PRO A 39 8.45 -11.49 1.40
CA PRO A 39 7.70 -12.71 1.71
C PRO A 39 8.49 -13.97 1.34
N LYS A 40 8.19 -15.06 2.04
N LYS A 40 8.20 -15.06 2.05
CA LYS A 40 8.79 -16.35 1.73
CA LYS A 40 8.83 -16.34 1.77
C LYS A 40 8.44 -16.78 0.30
C LYS A 40 8.44 -16.81 0.37
N SER A 41 7.19 -16.53 -0.09
N SER A 41 7.23 -16.49 -0.06
CA SER A 41 6.72 -16.91 -1.41
CA SER A 41 6.76 -16.88 -1.38
C SER A 41 6.41 -15.69 -2.27
C SER A 41 6.43 -15.66 -2.24
N VAL A 42 7.25 -15.44 -3.26
CA VAL A 42 7.02 -14.38 -4.21
C VAL A 42 7.65 -14.71 -5.55
N PHE A 43 6.96 -14.39 -6.63
CA PHE A 43 7.59 -14.50 -7.94
C PHE A 43 7.29 -13.32 -8.85
N GLN A 44 8.17 -13.14 -9.82
CA GLN A 44 8.12 -12.01 -10.73
C GLN A 44 7.68 -12.50 -12.11
N GLU A 45 6.92 -11.66 -12.80
CA GLU A 45 6.72 -11.78 -14.24
C GLU A 45 7.04 -10.40 -14.77
N ALA A 46 7.13 -10.22 -16.08
CA ALA A 46 7.45 -8.89 -16.60
C ALA A 46 6.38 -7.88 -16.18
N GLY A 47 6.79 -6.89 -15.38
CA GLY A 47 5.85 -5.86 -14.95
C GLY A 47 4.94 -6.25 -13.81
N LYS A 48 5.14 -7.43 -13.22
CA LYS A 48 4.24 -7.93 -12.20
C LYS A 48 4.96 -8.61 -11.04
N VAL A 49 4.32 -8.56 -9.88
CA VAL A 49 4.81 -9.25 -8.70
CA VAL A 49 4.81 -9.31 -8.74
C VAL A 49 3.65 -10.01 -8.08
N THR A 50 3.83 -11.29 -7.81
CA THR A 50 2.80 -12.09 -7.15
C THR A 50 3.37 -12.67 -5.87
N LEU A 51 2.69 -12.41 -4.76
CA LEU A 51 3.20 -12.87 -3.47
C LEU A 51 2.12 -13.60 -2.67
N GLU A 52 2.57 -14.38 -1.70
CA GLU A 52 1.70 -14.91 -0.66
CA GLU A 52 1.70 -14.89 -0.66
C GLU A 52 2.24 -14.36 0.66
N THR A 53 1.36 -13.78 1.48
CA THR A 53 1.82 -13.16 2.72
C THR A 53 2.27 -14.17 3.77
N ASP A 54 3.19 -13.74 4.62
CA ASP A 54 3.60 -14.51 5.79
C ASP A 54 2.69 -14.18 6.98
N GLU A 55 2.62 -15.08 7.95
CA GLU A 55 1.81 -14.85 9.14
C GLU A 55 2.36 -13.70 9.97
N LYS A 56 1.47 -13.10 10.76
CA LYS A 56 1.87 -12.07 11.72
C LYS A 56 2.64 -10.92 11.08
N THR A 57 2.09 -10.40 9.99
CA THR A 57 2.66 -9.25 9.31
C THR A 57 1.70 -8.07 9.38
N ASP A 58 2.21 -6.90 9.76
CA ASP A 58 1.35 -5.73 9.96
C ASP A 58 2.17 -4.44 9.97
N PHE A 59 1.49 -3.31 9.78
CA PHE A 59 2.09 -1.99 9.93
C PHE A 59 1.17 -1.17 10.80
N TRP A 60 1.67 -0.72 11.94
CA TRP A 60 0.87 0.10 12.87
C TRP A 60 1.82 0.76 13.85
N ARG A 61 1.52 2.00 14.24
CA ARG A 61 2.32 2.65 15.28
C ARG A 61 1.46 3.25 16.38
N GLU A 62 1.40 2.53 17.50
CA GLU A 62 0.99 3.04 18.81
C GLU A 62 -0.50 3.30 19.04
N THR A 63 -1.12 4.10 18.18
CA THR A 63 -2.45 4.63 18.47
C THR A 63 -3.45 3.59 18.96
N PHE A 64 -4.00 3.84 20.15
CA PHE A 64 -5.10 3.06 20.74
C PHE A 64 -4.68 1.66 21.22
N TYR A 65 -4.13 0.87 20.31
CA TYR A 65 -3.80 -0.53 20.63
C TYR A 65 -2.53 -0.68 21.46
N GLY A 66 -1.66 0.34 21.43
CA GLY A 66 -0.50 0.34 22.30
C GLY A 66 0.60 -0.61 21.87
N PHE A 67 0.62 -0.97 20.60
CA PHE A 67 1.76 -1.72 20.07
C PHE A 67 2.22 -1.10 18.77
N THR A 68 3.42 -1.49 18.36
CA THR A 68 3.96 -1.05 17.08
C THR A 68 4.32 -2.29 16.29
N ARG A 69 4.03 -2.25 14.99
CA ARG A 69 4.35 -3.33 14.07
C ARG A 69 4.96 -2.74 12.81
N ASP A 70 6.08 -3.32 12.38
CA ASP A 70 6.74 -2.88 11.15
C ASP A 70 7.15 -4.11 10.34
N SER A 71 6.30 -5.13 10.38
CA SER A 71 6.59 -6.46 9.80
C SER A 71 5.89 -6.74 8.48
N GLY A 72 5.10 -5.78 7.99
CA GLY A 72 4.37 -5.98 6.75
C GLY A 72 5.26 -6.08 5.54
N HIS A 73 4.73 -6.62 4.45
CA HIS A 73 5.51 -6.75 3.23
C HIS A 73 5.42 -5.47 2.42
N PHE A 74 6.55 -4.96 1.97
CA PHE A 74 6.58 -3.70 1.22
C PHE A 74 7.67 -3.76 0.17
N LEU A 75 7.30 -3.57 -1.09
CA LEU A 75 8.29 -3.48 -2.16
C LEU A 75 8.39 -2.00 -2.54
N GLY A 76 9.46 -1.36 -2.08
CA GLY A 76 9.58 0.08 -2.23
C GLY A 76 10.51 0.53 -3.36
N VAL A 77 9.97 1.38 -4.22
CA VAL A 77 10.74 1.99 -5.30
C VAL A 77 11.11 3.40 -4.86
N GLU A 78 12.39 3.74 -4.98
CA GLU A 78 12.86 5.03 -4.49
C GLU A 78 12.57 6.15 -5.49
N THR A 79 12.09 7.27 -4.93
CA THR A 79 11.67 8.43 -5.72
C THR A 79 12.54 9.62 -5.40
N GLY A 80 12.33 10.71 -6.12
CA GLY A 80 12.85 12.01 -5.74
C GLY A 80 11.93 12.72 -4.76
N SER A 81 11.95 14.05 -4.76
CA SER A 81 11.28 14.81 -3.71
C SER A 81 9.79 15.01 -3.93
N ALA A 82 9.31 14.60 -5.09
CA ALA A 82 7.89 14.65 -5.43
C ALA A 82 7.62 13.57 -6.46
N PHE A 83 6.43 12.99 -6.43
CA PHE A 83 6.11 11.91 -7.36
C PHE A 83 4.62 11.65 -7.46
N THR A 84 4.23 10.98 -8.54
CA THR A 84 2.94 10.31 -8.64
C THR A 84 3.20 8.84 -8.99
N ALA A 85 2.57 7.95 -8.24
CA ALA A 85 2.72 6.51 -8.44
C ALA A 85 1.36 5.88 -8.63
N GLN A 86 1.29 4.83 -9.43
CA GLN A 86 0.03 4.15 -9.66
C GLN A 86 0.29 2.65 -9.77
N VAL A 87 -0.67 1.83 -9.34
CA VAL A 87 -0.53 0.38 -9.37
C VAL A 87 -1.89 -0.30 -9.39
N ARG A 88 -1.95 -1.47 -10.01
CA ARG A 88 -3.13 -2.32 -9.99
C ARG A 88 -2.92 -3.41 -8.95
N VAL A 89 -3.97 -3.70 -8.18
CA VAL A 89 -3.90 -4.61 -7.05
C VAL A 89 -4.97 -5.67 -7.21
N GLN A 90 -4.55 -6.93 -7.31
CA GLN A 90 -5.48 -8.04 -7.44
C GLN A 90 -5.24 -9.05 -6.33
N GLY A 91 -6.01 -8.93 -5.26
CA GLY A 91 -5.82 -9.77 -4.10
C GLY A 91 -6.97 -10.74 -3.89
N SER A 92 -6.68 -11.82 -3.18
CA SER A 92 -7.68 -12.82 -2.85
C SER A 92 -8.02 -12.78 -1.35
N TYR A 93 -8.74 -11.74 -0.93
CA TYR A 93 -9.00 -11.53 0.50
C TYR A 93 -10.00 -12.54 1.04
N GLU A 94 -9.75 -13.02 2.26
CA GLU A 94 -10.58 -14.08 2.84
C GLU A 94 -10.68 -14.03 4.37
N SER A 95 -9.88 -13.22 5.03
CA SER A 95 -9.85 -13.21 6.49
C SER A 95 -9.73 -11.83 7.12
N LEU A 96 -10.24 -11.71 8.35
CA LEU A 96 -10.13 -10.49 9.12
C LEU A 96 -8.70 -9.92 9.12
N TYR A 97 -8.58 -8.65 8.76
CA TYR A 97 -7.32 -7.91 8.77
C TYR A 97 -6.44 -8.12 7.53
N ASP A 98 -6.86 -9.00 6.61
CA ASP A 98 -6.17 -9.14 5.33
C ASP A 98 -6.13 -7.78 4.65
N GLN A 99 -4.95 -7.38 4.19
CA GLN A 99 -4.75 -6.06 3.59
C GLN A 99 -3.81 -6.12 2.39
N ALA A 100 -4.11 -5.33 1.37
CA ALA A 100 -3.16 -5.11 0.30
C ALA A 100 -3.41 -3.76 -0.35
N GLY A 101 -2.36 -3.18 -0.92
CA GLY A 101 -2.48 -1.90 -1.57
C GLY A 101 -1.11 -1.30 -1.82
N ILE A 102 -0.96 -0.04 -1.45
CA ILE A 102 0.27 0.70 -1.69
C ILE A 102 0.76 1.33 -0.40
N MSE A 103 2.07 1.52 -0.29
CA MSE A 103 2.67 2.25 0.82
C MSE A 103 3.61 3.33 0.28
O MSE A 103 4.28 3.14 -0.74
CB MSE A 103 3.41 1.29 1.76
CG MSE A 103 4.47 1.95 2.68
SE MSE A 103 5.13 0.69 4.03
CE MSE A 103 3.67 0.87 5.29
N VAL A 104 3.63 4.47 0.96
CA VAL A 104 4.67 5.48 0.80
C VAL A 104 5.40 5.52 2.14
N ARG A 105 6.72 5.44 2.12
CA ARG A 105 7.49 5.34 3.34
C ARG A 105 8.71 6.25 3.31
N ILE A 106 8.94 6.96 4.40
CA ILE A 106 10.21 7.66 4.63
C ILE A 106 11.06 6.81 5.57
N ASP A 107 10.48 6.41 6.69
CA ASP A 107 11.15 5.52 7.65
C ASP A 107 10.10 4.84 8.50
N ASP A 108 10.52 4.10 9.53
CA ASP A 108 9.54 3.32 10.28
C ASP A 108 8.53 4.18 11.06
N GLY A 109 8.82 5.46 11.22
CA GLY A 109 7.94 6.36 11.94
C GLY A 109 7.09 7.26 11.07
N HIS A 110 7.35 7.25 9.76
CA HIS A 110 6.67 8.17 8.84
C HIS A 110 6.35 7.42 7.56
N TRP A 111 5.08 7.05 7.42
CA TRP A 111 4.63 6.28 6.28
C TRP A 111 3.13 6.37 6.12
N LEU A 112 2.64 5.93 4.98
CA LEU A 112 1.22 5.83 4.71
C LEU A 112 0.98 4.50 4.02
N LYS A 113 -0.11 3.84 4.36
CA LYS A 113 -0.56 2.67 3.62
C LYS A 113 -2.01 2.90 3.22
N ALA A 114 -2.43 2.35 2.09
CA ALA A 114 -3.81 2.50 1.64
C ALA A 114 -4.18 1.33 0.75
N GLY A 115 -5.43 0.93 0.80
CA GLY A 115 -5.90 -0.16 -0.05
C GLY A 115 -7.11 -0.82 0.54
N ILE A 116 -7.27 -2.11 0.28
CA ILE A 116 -8.40 -2.87 0.81
C ILE A 116 -7.98 -3.60 2.07
N GLU A 117 -8.88 -3.65 3.04
CA GLU A 117 -8.62 -4.34 4.29
C GLU A 117 -9.94 -4.97 4.71
N ILE A 118 -9.86 -6.16 5.29
CA ILE A 118 -11.06 -6.76 5.86
C ILE A 118 -11.19 -6.36 7.33
N SER A 119 -12.16 -5.50 7.63
CA SER A 119 -12.40 -5.06 9.01
C SER A 119 -13.88 -4.81 9.21
N ASP A 120 -14.34 -4.94 10.46
CA ASP A 120 -15.76 -4.90 10.75
C ASP A 120 -16.47 -5.97 9.93
N GLY A 121 -17.36 -5.55 9.03
CA GLY A 121 -18.16 -6.49 8.28
C GLY A 121 -17.76 -6.78 6.85
N HIS A 122 -16.97 -5.91 6.24
CA HIS A 122 -16.79 -5.98 4.79
C HIS A 122 -15.36 -5.73 4.30
N ALA A 123 -15.20 -5.79 2.99
CA ALA A 123 -14.00 -5.28 2.34
C ALA A 123 -14.05 -3.76 2.44
N MSE A 124 -13.06 -3.20 3.12
CA MSE A 124 -13.02 -1.77 3.40
C MSE A 124 -11.93 -1.10 2.59
O MSE A 124 -10.84 -1.65 2.46
CB MSE A 124 -12.71 -1.56 4.87
CG MSE A 124 -13.69 -2.25 5.80
SE MSE A 124 -15.34 -1.23 5.97
CE MSE A 124 -14.77 0.07 7.28
N LEU A 125 -12.23 0.06 2.04
CA LEU A 125 -11.18 0.94 1.54
C LEU A 125 -10.65 1.71 2.74
N SER A 126 -9.36 1.55 2.98
CA SER A 126 -8.74 1.98 4.22
C SER A 126 -7.44 2.70 3.93
N SER A 127 -7.11 3.69 4.75
CA SER A 127 -5.79 4.29 4.71
C SER A 127 -5.31 4.60 6.11
N VAL A 128 -4.01 4.48 6.31
CA VAL A 128 -3.38 4.80 7.58
C VAL A 128 -2.21 5.72 7.32
N LEU A 129 -2.27 6.93 7.85
CA LEU A 129 -1.19 7.89 7.77
C LEU A 129 -0.49 7.93 9.10
N THR A 130 0.81 7.61 9.09
CA THR A 130 1.59 7.53 10.31
C THR A 130 2.63 8.62 10.31
N ASN A 131 2.49 9.55 11.25
CA ASN A 131 3.51 10.55 11.48
C ASN A 131 3.81 10.50 12.95
N GLY A 132 4.73 9.63 13.33
CA GLY A 132 4.96 9.33 14.73
C GLY A 132 3.95 8.29 15.19
N LYS A 133 2.67 8.62 15.02
CA LYS A 133 1.58 7.69 15.37
C LYS A 133 0.61 7.53 14.21
N SER A 134 -0.12 6.41 14.20
CA SER A 134 -1.05 6.07 13.11
C SER A 134 -2.44 6.72 13.20
N ASP A 135 -2.93 7.19 12.05
CA ASP A 135 -4.26 7.78 11.88
C ASP A 135 -4.98 7.02 10.76
N TRP A 136 -5.96 6.23 11.17
CA TRP A 136 -6.62 5.25 10.33
C TRP A 136 -8.02 5.72 9.96
N SER A 137 -8.34 5.71 8.67
N SER A 137 -8.35 5.70 8.67
CA SER A 137 -9.68 5.99 8.19
CA SER A 137 -9.69 5.99 8.21
C SER A 137 -10.16 4.86 7.32
C SER A 137 -10.17 4.88 7.30
N THR A 138 -11.44 4.55 7.38
CA THR A 138 -11.97 3.41 6.66
C THR A 138 -13.41 3.60 6.31
N ALA A 139 -13.82 2.93 5.24
CA ALA A 139 -15.21 2.93 4.82
C ALA A 139 -15.45 1.70 3.95
N VAL A 140 -16.69 1.23 3.89
CA VAL A 140 -16.99 0.10 3.01
C VAL A 140 -16.67 0.48 1.57
N TYR A 141 -15.98 -0.40 0.85
CA TYR A 141 -15.61 -0.14 -0.53
C TYR A 141 -16.73 -0.52 -1.49
N GLY A 142 -17.08 0.40 -2.39
CA GLY A 142 -18.18 0.19 -3.32
C GLY A 142 -17.82 -0.50 -4.62
N GLY A 143 -16.53 -0.72 -4.86
CA GLY A 143 -16.09 -1.35 -6.10
C GLY A 143 -15.81 -2.83 -5.95
N ASN A 144 -14.99 -3.37 -6.86
CA ASN A 144 -14.58 -4.76 -6.79
C ASN A 144 -13.30 -4.85 -5.97
N ALA A 145 -13.40 -5.40 -4.77
CA ALA A 145 -12.25 -5.45 -3.88
C ALA A 145 -11.09 -6.25 -4.49
N ARG A 146 -11.41 -7.20 -5.37
CA ARG A 146 -10.39 -8.10 -5.91
C ARG A 146 -9.64 -7.54 -7.12
N ASP A 147 -10.01 -6.33 -7.55
CA ASP A 147 -9.34 -5.71 -8.69
C ASP A 147 -9.56 -4.20 -8.67
N PHE A 148 -8.53 -3.47 -8.22
CA PHE A 148 -8.65 -2.02 -8.17
C PHE A 148 -7.29 -1.39 -8.44
N TRP A 149 -7.30 -0.08 -8.71
CA TRP A 149 -6.07 0.69 -8.88
C TRP A 149 -5.98 1.75 -7.80
N LEU A 150 -4.74 2.07 -7.44
CA LEU A 150 -4.46 3.20 -6.55
C LEU A 150 -3.52 4.16 -7.24
N ARG A 151 -3.70 5.45 -6.96
CA ARG A 151 -2.80 6.48 -7.44
C ARG A 151 -2.48 7.37 -6.26
N VAL A 152 -1.20 7.59 -6.02
CA VAL A 152 -0.76 8.42 -4.90
CA VAL A 152 -0.78 8.43 -4.92
C VAL A 152 0.20 9.48 -5.39
N THR A 153 -0.01 10.71 -4.96
CA THR A 153 0.86 11.83 -5.30
C THR A 153 1.37 12.48 -4.02
N VAL A 154 2.67 12.69 -3.94
CA VAL A 154 3.27 13.46 -2.85
C VAL A 154 4.06 14.60 -3.45
N GLU A 155 3.76 15.81 -3.02
CA GLU A 155 4.44 17.00 -3.53
C GLU A 155 4.21 18.13 -2.55
N LYS A 156 5.27 18.88 -2.28
CA LYS A 156 5.20 20.06 -1.43
C LYS A 156 4.49 19.77 -0.10
N GLY A 157 4.81 18.64 0.50
CA GLY A 157 4.34 18.32 1.84
C GLY A 157 2.88 17.92 1.93
N VAL A 158 2.33 17.49 0.79
CA VAL A 158 0.93 17.04 0.74
C VAL A 158 0.87 15.71 0.04
N LEU A 159 0.15 14.77 0.64
CA LEU A 159 -0.12 13.49 0.03
C LEU A 159 -1.59 13.41 -0.41
N ARG A 160 -1.82 12.92 -1.63
CA ARG A 160 -3.17 12.69 -2.14
C ARG A 160 -3.29 11.24 -2.59
N ILE A 161 -4.32 10.55 -2.13
CA ILE A 161 -4.61 9.18 -2.57
C ILE A 161 -5.89 9.15 -3.35
N GLN A 162 -5.87 8.50 -4.51
CA GLN A 162 -7.07 8.26 -5.31
C GLN A 162 -7.21 6.77 -5.59
N VAL A 163 -8.44 6.33 -5.80
CA VAL A 163 -8.71 4.93 -6.10
C VAL A 163 -9.51 4.84 -7.38
N SER A 164 -9.42 3.72 -8.09
CA SER A 164 -10.23 3.55 -9.29
C SER A 164 -10.65 2.10 -9.50
N SER A 165 -11.88 1.90 -9.98
CA SER A 165 -12.35 0.56 -10.32
C SER A 165 -12.23 0.28 -11.81
N ASP A 166 -11.90 1.31 -12.59
CA ASP A 166 -11.94 1.17 -14.05
C ASP A 166 -10.75 1.80 -14.79
N LYS A 167 -9.85 2.42 -14.03
CA LYS A 167 -8.69 3.09 -14.60
C LYS A 167 -9.11 4.28 -15.45
N LYS A 168 -10.35 4.73 -15.27
CA LYS A 168 -10.89 5.87 -16.01
C LYS A 168 -11.20 7.05 -15.09
N THR A 169 -11.87 6.76 -13.96
CA THR A 169 -12.30 7.74 -12.99
C THR A 169 -11.57 7.51 -11.67
N TRP A 170 -11.07 8.58 -11.06
CA TRP A 170 -10.17 8.48 -9.90
C TRP A 170 -10.61 9.31 -8.69
N PRO A 171 -11.66 8.87 -7.99
CA PRO A 171 -12.12 9.59 -6.80
C PRO A 171 -11.06 9.72 -5.71
N LEU A 172 -11.09 10.84 -5.01
CA LEU A 172 -10.21 11.09 -3.88
C LEU A 172 -10.56 10.21 -2.70
N VAL A 173 -9.53 9.70 -2.03
CA VAL A 173 -9.65 8.88 -0.84
C VAL A 173 -9.14 9.69 0.36
N ARG A 174 -8.02 10.38 0.17
CA ARG A 174 -7.39 11.10 1.27
C ARG A 174 -6.49 12.22 0.79
N LEU A 175 -6.47 13.31 1.53
CA LEU A 175 -5.64 14.48 1.22
CA LEU A 175 -5.63 14.46 1.22
C LEU A 175 -5.10 14.97 2.55
N ALA A 176 -3.79 14.93 2.72
CA ALA A 176 -3.22 15.17 4.05
C ALA A 176 -1.82 15.71 3.99
N PRO A 177 -1.36 16.35 5.07
CA PRO A 177 0.05 16.74 5.16
C PRO A 177 0.91 15.49 5.25
N PHE A 178 2.10 15.56 4.67
CA PHE A 178 3.05 14.47 4.77
C PHE A 178 4.43 15.12 4.74
N PRO A 179 5.38 14.61 5.52
CA PRO A 179 6.66 15.33 5.58
C PRO A 179 7.35 15.48 4.24
N THR A 180 7.96 16.63 4.00
CA THR A 180 8.83 16.78 2.85
C THR A 180 10.05 15.88 3.03
N SER A 181 10.65 15.47 1.91
CA SER A 181 11.81 14.59 1.96
C SER A 181 12.52 14.66 0.62
N ASP A 182 13.84 14.47 0.62
CA ASP A 182 14.58 14.38 -0.62
C ASP A 182 14.21 13.14 -1.43
N HIS A 183 13.78 12.10 -0.71
CA HIS A 183 13.39 10.83 -1.31
C HIS A 183 12.26 10.18 -0.56
N TYR A 184 11.45 9.43 -1.29
CA TYR A 184 10.45 8.56 -0.70
C TYR A 184 10.64 7.15 -1.22
N LEU A 185 10.03 6.18 -0.55
CA LEU A 185 9.87 4.84 -1.10
C LEU A 185 8.39 4.63 -1.34
N VAL A 186 8.02 4.10 -2.50
CA VAL A 186 6.62 3.87 -2.80
C VAL A 186 6.47 2.55 -3.54
N GLY A 187 5.40 1.82 -3.26
CA GLY A 187 5.22 0.54 -3.91
C GLY A 187 4.24 -0.38 -3.22
N PRO A 188 4.04 -1.57 -3.78
CA PRO A 188 3.13 -2.60 -3.25
C PRO A 188 3.32 -2.87 -1.76
N MSE A 189 2.19 -3.06 -1.08
CA MSE A 189 2.20 -3.44 0.31
C MSE A 189 1.16 -4.54 0.52
O MSE A 189 0.10 -4.52 -0.11
CB MSE A 189 1.89 -2.21 1.15
CG MSE A 189 1.57 -2.40 2.61
SE MSE A 189 -0.29 -2.84 3.02
CE MSE A 189 -1.31 -1.46 2.08
N ALA A 190 1.44 -5.50 1.40
CA ALA A 190 0.45 -6.50 1.79
C ALA A 190 0.75 -7.04 3.19
N CYS A 191 -0.31 -7.30 3.96
CA CYS A 191 -0.19 -7.69 5.37
C CYS A 191 -1.26 -8.72 5.70
N THR A 192 -0.91 -9.68 6.54
CA THR A 192 -1.88 -10.51 7.26
C THR A 192 -1.45 -10.59 8.72
N PRO A 193 -2.05 -9.75 9.58
CA PRO A 193 -1.64 -9.69 10.98
C PRO A 193 -1.80 -11.02 11.74
N GLU A 194 -2.68 -11.89 11.29
CA GLU A 194 -2.84 -13.20 11.90
C GLU A 194 -2.26 -14.32 11.01
N ARG A 195 -3.08 -15.29 10.60
CA ARG A 195 -2.58 -16.34 9.74
CA ARG A 195 -2.60 -16.35 9.73
C ARG A 195 -2.19 -15.79 8.37
N GLY A 196 -1.14 -16.36 7.79
CA GLY A 196 -0.67 -15.89 6.50
C GLY A 196 -1.43 -16.51 5.36
N GLY A 197 -0.94 -16.30 4.14
CA GLY A 197 -1.50 -16.98 2.98
C GLY A 197 -2.29 -16.12 2.02
N LEU A 198 -2.35 -14.81 2.27
CA LEU A 198 -3.05 -13.93 1.34
C LEU A 198 -2.27 -13.83 0.04
N LYS A 199 -2.92 -14.17 -1.08
CA LYS A 199 -2.28 -14.09 -2.39
CA LYS A 199 -2.28 -14.09 -2.39
C LYS A 199 -2.66 -12.79 -3.08
N VAL A 200 -1.66 -12.06 -3.57
CA VAL A 200 -1.89 -10.79 -4.24
C VAL A 200 -0.96 -10.62 -5.44
N THR A 201 -1.50 -10.16 -6.56
CA THR A 201 -0.70 -9.77 -7.71
C THR A 201 -0.74 -8.25 -7.92
N PHE A 202 0.44 -7.66 -8.07
CA PHE A 202 0.58 -6.26 -8.38
C PHE A 202 1.08 -6.09 -9.80
N SER A 203 0.53 -5.14 -10.54
CA SER A 203 0.90 -4.92 -11.92
C SER A 203 0.60 -3.50 -12.35
N GLU A 204 0.86 -3.17 -13.60
CA GLU A 204 0.55 -1.83 -14.14
C GLU A 204 1.13 -0.72 -13.28
N TRP A 205 2.38 -0.90 -12.90
CA TRP A 205 3.12 0.09 -12.14
C TRP A 205 3.54 1.28 -12.99
N SER A 206 3.44 2.47 -12.40
CA SER A 206 3.96 3.67 -13.03
CA SER A 206 4.02 3.64 -13.03
C SER A 206 4.45 4.62 -11.95
N LEU A 207 5.63 5.20 -12.14
CA LEU A 207 6.18 6.17 -11.21
C LEU A 207 6.78 7.32 -12.00
N THR A 208 6.31 8.54 -11.73
CA THR A 208 6.73 9.72 -12.49
C THR A 208 6.73 10.95 -11.61
N ALA A 209 7.21 12.08 -12.13
CA ALA A 209 7.02 13.34 -11.43
C ALA A 209 5.53 13.70 -11.49
N PRO A 210 5.05 14.50 -10.55
CA PRO A 210 3.64 14.90 -10.60
C PRO A 210 3.35 15.78 -11.82
N LEU A 211 2.09 15.84 -12.25
CA LEU A 211 1.71 16.76 -13.32
C LEU A 211 1.96 18.21 -12.88
N GLY A 212 2.15 19.09 -13.85
CA GLY A 212 2.36 20.50 -13.57
C GLY A 212 3.82 20.83 -13.33
S SO4 B . -7.48 -7.60 -17.72
O1 SO4 B . -8.50 -6.64 -17.31
O2 SO4 B . -7.88 -8.21 -18.99
O3 SO4 B . -6.20 -6.91 -17.90
O4 SO4 B . -7.34 -8.64 -16.71
S SO4 C . 15.52 -7.05 -2.06
O1 SO4 C . 16.83 -6.47 -2.30
O2 SO4 C . 14.60 -6.63 -3.11
O3 SO4 C . 15.63 -8.52 -2.05
O4 SO4 C . 15.01 -6.61 -0.76
S SO4 D . 7.82 -5.53 14.13
O1 SO4 D . 7.67 -4.16 14.63
O2 SO4 D . 8.23 -5.50 12.73
O3 SO4 D . 8.84 -6.21 14.92
O4 SO4 D . 6.54 -6.24 14.27
S SO4 E . 3.48 -6.13 21.76
O1 SO4 E . 2.99 -5.24 22.80
O2 SO4 E . 4.31 -5.37 20.82
O3 SO4 E . 4.29 -7.19 22.35
O4 SO4 E . 2.36 -6.72 21.06
C1 EDO F . -4.27 -0.35 4.16
O1 EDO F . -5.26 -1.26 3.66
C2 EDO F . -4.89 0.66 5.12
O2 EDO F . -5.37 -0.04 6.27
C1 EDO G . -5.18 -0.79 9.64
O1 EDO G . -5.29 -1.37 8.34
C2 EDO G . -3.91 -1.30 10.31
O2 EDO G . -3.81 -2.73 10.19
C1 EDO H . -4.96 -2.04 13.96
O1 EDO H . -5.91 -3.08 14.16
C2 EDO H . -3.56 -2.61 14.00
O2 EDO H . -3.37 -3.47 12.87
C1 EDO I . -11.25 5.64 3.04
O1 EDO I . -11.78 6.95 3.27
C2 EDO I . -9.96 5.47 3.84
O2 EDO I . -9.17 6.65 3.72
#